data_4QMS
#
_entry.id   4QMS
#
_cell.length_a   47.486
_cell.length_b   55.133
_cell.length_c   60.236
_cell.angle_alpha   90.00
_cell.angle_beta   111.35
_cell.angle_gamma   90.00
#
_symmetry.space_group_name_H-M   'P 1 21 1'
#
loop_
_entity.id
_entity.type
_entity.pdbx_description
1 polymer 'Serine/threonine-protein kinase 24'
2 non-polymer N-(2-CHLORO-6-METHYLPHENYL)-2-({6-[4-(2-HYDROXYETHYL)PIPERAZIN-1-YL]-2-METHYLPYRIMIDIN-4-YL}AMINO)-1,3-THIAZOLE-5-CARBOXAMIDE
3 non-polymer 1,2-ETHANEDIOL
4 non-polymer 'CHLORIDE ION'
5 water water
#
_entity_poly.entity_id   1
_entity_poly.type   'polypeptide(L)'
_entity_poly.pdbx_seq_one_letter_code
;GPLGSEFMAHSPVQSGLPGMQNLKADPEELFTKLEKIGKGSFGEVFKGIDNRTQKVVAIKIIDLEEAEDEIEDIQQEITV
LSQCDSPYVTKYYGSYLKDTKLWIIMEYLGGGSALDLLEPGPLDETQIATILREILKGLDYLHSEKKIHRDIKAANVLLS
EHGEVKLADFGVAGQLTDTQIKRN(TPO)FVGTPFWMAPEVIKQSAYDSKADIWSLGITAIELARGEPPHSELHPMKVLF
LIPKNNPPTLEGNYSKPLKEFVEACLNKEPSFRPTAKELLKHKFILRNAKKTSYLTELIDRYKRWKAEQSHDDS
;
_entity_poly.pdbx_strand_id   A
#
# COMPACT_ATOMS: atom_id res chain seq x y z
N ASN A 22 -18.13 -12.16 -11.40
CA ASN A 22 -17.31 -13.34 -11.66
C ASN A 22 -16.88 -14.05 -10.37
N LEU A 23 -17.74 -13.98 -9.37
CA LEU A 23 -17.59 -14.73 -8.14
C LEU A 23 -17.52 -16.21 -8.48
N LYS A 24 -16.53 -16.92 -7.93
CA LYS A 24 -16.36 -18.35 -8.23
C LYS A 24 -16.79 -19.20 -7.04
N ALA A 25 -16.76 -20.53 -7.21
CA ALA A 25 -17.17 -21.43 -6.14
C ALA A 25 -16.16 -22.54 -5.91
N ASP A 26 -16.32 -23.25 -4.79
CA ASP A 26 -15.51 -24.42 -4.45
C ASP A 26 -14.01 -24.17 -4.51
N PRO A 27 -13.50 -23.26 -3.66
CA PRO A 27 -12.08 -22.90 -3.73
C PRO A 27 -11.13 -24.08 -3.43
N GLU A 28 -11.55 -25.02 -2.59
CA GLU A 28 -10.64 -26.09 -2.20
C GLU A 28 -10.47 -27.14 -3.31
N GLU A 29 -11.27 -27.04 -4.37
CA GLU A 29 -11.02 -27.84 -5.57
C GLU A 29 -9.75 -27.35 -6.28
N LEU A 30 -9.42 -26.08 -6.09
CA LEU A 30 -8.31 -25.47 -6.84
C LEU A 30 -7.13 -25.04 -5.96
N PHE A 31 -7.40 -24.82 -4.68
CA PHE A 31 -6.34 -24.38 -3.77
C PHE A 31 -6.27 -25.22 -2.52
N THR A 32 -5.06 -25.36 -1.99
CA THR A 32 -4.86 -25.98 -0.70
C THR A 32 -4.63 -24.88 0.31
N LYS A 33 -5.40 -24.90 1.39
CA LYS A 33 -5.22 -23.94 2.47
C LYS A 33 -4.15 -24.43 3.43
N LEU A 34 -3.13 -23.62 3.66
CA LEU A 34 -2.08 -23.98 4.60
C LEU A 34 -2.20 -23.12 5.86
N GLU A 35 -1.08 -22.75 6.48
CA GLU A 35 -1.16 -22.17 7.82
C GLU A 35 -1.54 -20.70 7.84
N LYS A 36 -2.11 -20.25 8.95
CA LYS A 36 -2.40 -18.82 9.12
C LYS A 36 -1.11 -18.01 9.12
N ILE A 37 -1.12 -16.85 8.46
CA ILE A 37 0.07 -16.00 8.44
C ILE A 37 -0.19 -14.57 8.91
N GLY A 38 -1.45 -14.22 9.11
CA GLY A 38 -1.76 -12.87 9.55
C GLY A 38 -3.22 -12.57 9.84
N LYS A 39 -3.43 -11.35 10.36
CA LYS A 39 -4.72 -10.69 10.53
C LYS A 39 -5.73 -11.42 11.44
N GLY A 40 -6.55 -10.65 12.14
CA GLY A 40 -6.52 -9.19 12.08
C GLY A 40 -7.90 -8.58 12.32
N SER A 41 -8.22 -7.54 11.56
CA SER A 41 -9.50 -6.85 11.73
C SER A 41 -10.55 -7.35 10.74
N PHE A 42 -10.24 -7.25 9.45
CA PHE A 42 -11.14 -7.68 8.39
C PHE A 42 -11.47 -9.19 8.47
N GLY A 43 -10.43 -10.02 8.53
CA GLY A 43 -10.58 -11.46 8.63
C GLY A 43 -9.28 -12.15 9.02
N GLU A 44 -9.09 -13.38 8.55
CA GLU A 44 -7.83 -14.09 8.76
C GLU A 44 -7.16 -14.43 7.41
N VAL A 45 -5.84 -14.35 7.37
CA VAL A 45 -5.09 -14.62 6.13
C VAL A 45 -4.20 -15.84 6.27
N PHE A 46 -4.26 -16.71 5.26
CA PHE A 46 -3.56 -17.99 5.28
C PHE A 46 -2.62 -18.11 4.10
N LYS A 47 -1.53 -18.85 4.27
CA LYS A 47 -0.78 -19.30 3.11
C LYS A 47 -1.58 -20.38 2.39
N GLY A 48 -1.35 -20.54 1.09
CA GLY A 48 -2.00 -21.56 0.30
C GLY A 48 -1.19 -21.95 -0.91
N ILE A 49 -1.66 -22.97 -1.62
CA ILE A 49 -1.03 -23.44 -2.84
C ILE A 49 -2.04 -23.52 -3.97
N ASP A 50 -1.70 -22.94 -5.13
CA ASP A 50 -2.47 -23.18 -6.35
C ASP A 50 -2.17 -24.59 -6.83
N ASN A 51 -3.17 -25.47 -6.79
CA ASN A 51 -2.90 -26.87 -7.06
C ASN A 51 -2.57 -27.10 -8.55
N ARG A 52 -2.93 -26.14 -9.40
CA ARG A 52 -2.65 -26.23 -10.83
C ARG A 52 -1.16 -25.99 -11.17
N THR A 53 -0.57 -25.01 -10.51
CA THR A 53 0.80 -24.56 -10.80
C THR A 53 1.82 -24.81 -9.68
N GLN A 54 1.32 -25.12 -8.48
CA GLN A 54 2.13 -25.22 -7.25
C GLN A 54 2.72 -23.88 -6.82
N LYS A 55 2.20 -22.79 -7.36
CA LYS A 55 2.60 -21.48 -6.87
C LYS A 55 1.94 -21.20 -5.53
N VAL A 56 2.57 -20.38 -4.71
CA VAL A 56 2.05 -20.13 -3.37
C VAL A 56 1.12 -18.91 -3.40
N VAL A 57 0.01 -18.98 -2.68
CA VAL A 57 -0.95 -17.90 -2.67
C VAL A 57 -1.21 -17.43 -1.24
N ALA A 58 -1.84 -16.27 -1.12
CA ALA A 58 -2.33 -15.72 0.13
C ALA A 58 -3.85 -15.70 0.09
N ILE A 59 -4.49 -16.24 1.11
CA ILE A 59 -5.95 -16.41 1.15
C ILE A 59 -6.55 -15.66 2.33
N LYS A 60 -7.37 -14.65 2.06
CA LYS A 60 -8.08 -13.97 3.14
C LYS A 60 -9.48 -14.57 3.23
N ILE A 61 -9.81 -15.11 4.40
CA ILE A 61 -11.11 -15.75 4.60
C ILE A 61 -11.96 -14.86 5.50
N ILE A 62 -13.14 -14.54 5.00
CA ILE A 62 -14.05 -13.67 5.72
C ILE A 62 -15.39 -14.39 5.90
N ASP A 63 -15.80 -14.54 7.15
CA ASP A 63 -17.09 -15.18 7.40
C ASP A 63 -18.14 -14.07 7.32
N LEU A 64 -19.10 -14.24 6.42
CA LEU A 64 -20.03 -13.16 6.10
C LEU A 64 -21.34 -13.21 6.90
N GLU A 65 -21.45 -14.16 7.83
CA GLU A 65 -22.58 -14.15 8.75
C GLU A 65 -22.16 -13.43 10.03
N GLU A 66 -20.94 -12.93 10.01
CA GLU A 66 -20.47 -11.97 11.01
C GLU A 66 -19.92 -10.74 10.28
N ALA A 67 -20.56 -10.34 9.19
CA ALA A 67 -19.96 -9.34 8.31
C ALA A 67 -19.98 -7.92 8.96
N GLU A 68 -21.08 -7.17 9.10
CA GLU A 68 -22.32 -7.18 8.33
C GLU A 68 -22.43 -5.79 7.69
N ASP A 69 -21.61 -4.88 8.21
CA ASP A 69 -21.55 -3.52 7.72
C ASP A 69 -20.39 -3.35 6.73
N GLU A 70 -19.32 -4.10 6.94
CA GLU A 70 -18.16 -4.05 6.07
C GLU A 70 -18.47 -4.71 4.72
N ILE A 71 -19.61 -5.40 4.62
CA ILE A 71 -20.01 -6.08 3.40
C ILE A 71 -19.94 -5.19 2.15
N GLU A 72 -20.37 -3.94 2.26
CA GLU A 72 -20.32 -3.03 1.14
C GLU A 72 -18.87 -2.74 0.74
N ASP A 73 -18.01 -2.61 1.75
CA ASP A 73 -16.60 -2.35 1.50
C ASP A 73 -15.93 -3.56 0.85
N ILE A 74 -16.34 -4.75 1.27
CA ILE A 74 -15.80 -5.98 0.70
C ILE A 74 -16.13 -6.06 -0.79
N GLN A 75 -17.39 -5.79 -1.13
CA GLN A 75 -17.83 -5.78 -2.51
C GLN A 75 -17.01 -4.81 -3.36
N GLN A 76 -16.76 -3.63 -2.82
CA GLN A 76 -15.95 -2.63 -3.51
C GLN A 76 -14.51 -3.10 -3.70
N GLU A 77 -13.94 -3.70 -2.66
CA GLU A 77 -12.58 -4.21 -2.69
C GLU A 77 -12.41 -5.25 -3.79
N ILE A 78 -13.30 -6.24 -3.82
CA ILE A 78 -13.28 -7.28 -4.85
C ILE A 78 -13.43 -6.72 -6.26
N THR A 79 -14.29 -5.73 -6.42
CA THR A 79 -14.47 -5.08 -7.71
C THR A 79 -13.17 -4.45 -8.20
N VAL A 80 -12.53 -3.67 -7.34
CA VAL A 80 -11.26 -3.02 -7.68
C VAL A 80 -10.21 -4.06 -8.05
N LEU A 81 -10.08 -5.09 -7.21
CA LEU A 81 -9.10 -6.14 -7.42
C LEU A 81 -9.29 -6.83 -8.77
N SER A 82 -10.55 -7.08 -9.10
CA SER A 82 -10.88 -7.79 -10.32
C SER A 82 -10.55 -6.97 -11.57
N GLN A 83 -10.33 -5.66 -11.40
CA GLN A 83 -10.05 -4.80 -12.55
C GLN A 83 -8.58 -4.41 -12.67
N CYS A 84 -7.76 -4.82 -11.70
CA CYS A 84 -6.35 -4.49 -11.73
C CYS A 84 -5.51 -5.56 -12.39
N ASP A 85 -4.59 -5.14 -13.26
CA ASP A 85 -3.65 -6.07 -13.90
C ASP A 85 -2.33 -5.36 -14.14
N SER A 86 -1.41 -5.48 -13.18
CA SER A 86 -0.15 -4.75 -13.22
C SER A 86 0.89 -5.50 -12.42
N PRO A 87 2.14 -5.48 -12.90
CA PRO A 87 3.26 -6.01 -12.11
C PRO A 87 3.42 -5.32 -10.76
N TYR A 88 2.77 -4.16 -10.57
CA TYR A 88 3.02 -3.32 -9.39
C TYR A 88 1.86 -3.35 -8.40
N VAL A 89 0.91 -4.24 -8.67
CA VAL A 89 -0.23 -4.49 -7.79
C VAL A 89 -0.32 -5.99 -7.52
N THR A 90 -0.49 -6.38 -6.26
CA THR A 90 -0.61 -7.81 -5.93
C THR A 90 -1.62 -8.50 -6.86
N LYS A 91 -1.15 -9.54 -7.52
CA LYS A 91 -1.96 -10.31 -8.46
C LYS A 91 -3.17 -10.94 -7.77
N TYR A 92 -4.33 -10.76 -8.37
CA TYR A 92 -5.61 -11.25 -7.87
C TYR A 92 -5.97 -12.55 -8.59
N TYR A 93 -6.22 -13.62 -7.83
CA TYR A 93 -6.66 -14.86 -8.43
C TYR A 93 -8.18 -14.88 -8.58
N GLY A 94 -8.87 -14.48 -7.53
CA GLY A 94 -10.31 -14.45 -7.58
C GLY A 94 -10.93 -14.49 -6.21
N SER A 95 -12.24 -14.34 -6.18
CA SER A 95 -13.00 -14.43 -4.95
C SER A 95 -13.91 -15.63 -5.05
N TYR A 96 -13.95 -16.43 -3.99
CA TYR A 96 -14.63 -17.71 -4.03
C TYR A 96 -15.62 -17.82 -2.89
N LEU A 97 -16.83 -18.26 -3.22
CA LEU A 97 -17.82 -18.55 -2.20
C LEU A 97 -17.63 -19.97 -1.71
N LYS A 98 -17.58 -20.12 -0.38
CA LYS A 98 -17.54 -21.43 0.23
C LYS A 98 -18.46 -21.43 1.43
N ASP A 99 -19.69 -21.90 1.22
CA ASP A 99 -20.74 -21.85 2.24
C ASP A 99 -20.93 -20.43 2.77
N THR A 100 -20.64 -20.22 4.04
CA THR A 100 -20.90 -18.95 4.69
C THR A 100 -19.73 -17.99 4.52
N LYS A 101 -18.64 -18.48 3.94
CA LYS A 101 -17.39 -17.73 3.92
C LYS A 101 -16.98 -17.31 2.52
N LEU A 102 -16.25 -16.21 2.45
CA LEU A 102 -15.70 -15.72 1.20
C LEU A 102 -14.19 -15.83 1.25
N TRP A 103 -13.60 -16.41 0.21
CA TRP A 103 -12.16 -16.53 0.09
C TRP A 103 -11.65 -15.52 -0.91
N ILE A 104 -10.79 -14.60 -0.47
CA ILE A 104 -10.15 -13.68 -1.40
C ILE A 104 -8.71 -14.14 -1.62
N ILE A 105 -8.39 -14.53 -2.84
CA ILE A 105 -7.12 -15.20 -3.11
C ILE A 105 -6.19 -14.35 -3.98
N MET A 106 -4.99 -14.12 -3.45
CA MET A 106 -3.98 -13.26 -4.05
C MET A 106 -2.67 -14.02 -4.21
N GLU A 107 -1.75 -13.48 -5.00
CA GLU A 107 -0.42 -14.05 -5.02
C GLU A 107 0.20 -13.82 -3.64
N TYR A 108 1.07 -14.74 -3.24
CA TYR A 108 1.79 -14.61 -2.00
C TYR A 108 3.14 -13.97 -2.27
N LEU A 109 3.44 -12.87 -1.57
CA LEU A 109 4.72 -12.20 -1.67
C LEU A 109 5.50 -12.47 -0.38
N GLY A 110 6.67 -13.07 -0.51
CA GLY A 110 7.37 -13.62 0.64
C GLY A 110 8.39 -12.71 1.32
N GLY A 111 8.62 -11.52 0.78
CA GLY A 111 9.73 -10.72 1.28
C GLY A 111 9.39 -9.86 2.49
N GLY A 112 8.11 -9.71 2.77
CA GLY A 112 7.66 -8.88 3.88
C GLY A 112 7.18 -7.55 3.35
N SER A 113 6.62 -6.71 4.22
CA SER A 113 6.18 -5.38 3.80
C SER A 113 7.34 -4.41 3.95
N ALA A 114 7.24 -3.23 3.33
CA ALA A 114 8.28 -2.23 3.52
C ALA A 114 8.38 -1.82 4.99
N LEU A 115 7.26 -1.85 5.70
CA LEU A 115 7.26 -1.58 7.15
C LEU A 115 8.11 -2.60 7.91
N ASP A 116 7.91 -3.88 7.60
CA ASP A 116 8.75 -4.95 8.14
C ASP A 116 10.22 -4.66 7.89
N LEU A 117 10.53 -4.27 6.66
CA LEU A 117 11.93 -4.07 6.28
C LEU A 117 12.57 -2.92 7.04
N LEU A 118 11.75 -2.02 7.58
CA LEU A 118 12.23 -0.93 8.41
C LEU A 118 12.61 -1.35 9.83
N GLU A 119 12.01 -2.44 10.30
CA GLU A 119 12.16 -2.83 11.71
C GLU A 119 13.60 -3.01 12.21
N PRO A 120 14.49 -3.64 11.41
CA PRO A 120 15.86 -3.81 11.94
C PRO A 120 16.70 -2.55 12.01
N GLY A 121 16.30 -1.50 11.30
CA GLY A 121 17.12 -0.30 11.25
C GLY A 121 16.88 0.54 10.02
N PRO A 122 17.64 1.61 9.87
CA PRO A 122 17.36 2.58 8.81
C PRO A 122 17.69 2.05 7.40
N LEU A 123 17.05 2.63 6.40
CA LEU A 123 17.36 2.38 5.01
C LEU A 123 18.37 3.42 4.55
N ASP A 124 19.07 3.15 3.45
CA ASP A 124 19.84 4.21 2.80
C ASP A 124 19.00 4.81 1.67
N GLU A 125 19.45 5.94 1.10
CA GLU A 125 18.61 6.63 0.12
C GLU A 125 18.46 5.86 -1.21
N THR A 126 19.40 4.98 -1.51
CA THR A 126 19.23 4.10 -2.68
C THR A 126 18.03 3.16 -2.47
N GLN A 127 17.95 2.55 -1.29
CA GLN A 127 16.83 1.68 -0.97
C GLN A 127 15.51 2.47 -0.93
N ILE A 128 15.54 3.64 -0.32
CA ILE A 128 14.34 4.49 -0.27
C ILE A 128 13.85 4.87 -1.67
N ALA A 129 14.76 5.35 -2.52
CA ALA A 129 14.43 5.70 -3.90
C ALA A 129 13.93 4.51 -4.71
N THR A 130 14.54 3.34 -4.50
CA THR A 130 14.17 2.16 -5.27
C THR A 130 12.73 1.77 -4.93
N ILE A 131 12.41 1.79 -3.64
CA ILE A 131 11.07 1.43 -3.17
C ILE A 131 10.05 2.47 -3.63
N LEU A 132 10.39 3.75 -3.49
CA LEU A 132 9.49 4.82 -3.94
C LEU A 132 9.23 4.77 -5.45
N ARG A 133 10.25 4.46 -6.24
CA ARG A 133 10.06 4.34 -7.67
C ARG A 133 9.04 3.25 -8.03
N GLU A 134 9.10 2.10 -7.38
CA GLU A 134 8.13 1.05 -7.69
C GLU A 134 6.73 1.39 -7.18
N ILE A 135 6.63 2.05 -6.02
CA ILE A 135 5.32 2.52 -5.54
C ILE A 135 4.71 3.48 -6.55
N LEU A 136 5.55 4.39 -7.05
CA LEU A 136 5.13 5.34 -8.09
C LEU A 136 4.64 4.65 -9.37
N LYS A 137 5.29 3.56 -9.77
CA LYS A 137 4.80 2.84 -10.96
C LYS A 137 3.42 2.23 -10.70
N GLY A 138 3.21 1.73 -9.48
CA GLY A 138 1.90 1.28 -9.06
C GLY A 138 0.86 2.38 -9.04
N LEU A 139 1.20 3.53 -8.48
CA LEU A 139 0.27 4.64 -8.42
C LEU A 139 -0.04 5.15 -9.81
N ASP A 140 0.97 5.21 -10.68
CA ASP A 140 0.73 5.66 -12.05
C ASP A 140 -0.27 4.73 -12.72
N TYR A 141 -0.08 3.43 -12.51
CA TYR A 141 -1.02 2.47 -13.07
C TYR A 141 -2.44 2.73 -12.54
N LEU A 142 -2.61 2.76 -11.21
CA LEU A 142 -3.93 2.92 -10.60
C LEU A 142 -4.58 4.21 -11.02
N HIS A 143 -3.81 5.30 -11.01
CA HIS A 143 -4.39 6.60 -11.31
C HIS A 143 -4.78 6.71 -12.79
N SER A 144 -4.03 6.03 -13.66
CA SER A 144 -4.39 5.98 -15.07
C SER A 144 -5.68 5.18 -15.28
N GLU A 145 -6.00 4.29 -14.34
CA GLU A 145 -7.25 3.53 -14.35
C GLU A 145 -8.36 4.22 -13.55
N LYS A 146 -8.12 5.49 -13.22
CA LYS A 146 -9.04 6.31 -12.41
C LYS A 146 -9.34 5.72 -11.03
N LYS A 147 -8.42 4.90 -10.53
CA LYS A 147 -8.55 4.36 -9.18
C LYS A 147 -7.68 5.13 -8.18
N ILE A 148 -8.12 5.17 -6.93
CA ILE A 148 -7.37 5.81 -5.85
C ILE A 148 -7.16 4.78 -4.75
N HIS A 149 -5.91 4.57 -4.32
CA HIS A 149 -5.65 3.51 -3.34
C HIS A 149 -6.23 3.89 -1.97
N ARG A 150 -5.94 5.12 -1.55
CA ARG A 150 -6.41 5.75 -0.31
C ARG A 150 -5.83 5.16 0.99
N ASP A 151 -4.92 4.21 0.90
CA ASP A 151 -4.27 3.76 2.13
C ASP A 151 -2.79 3.48 1.86
N ILE A 152 -2.14 4.40 1.17
CA ILE A 152 -0.72 4.23 0.91
C ILE A 152 0.08 4.46 2.19
N LYS A 153 0.85 3.44 2.56
CA LYS A 153 1.75 3.49 3.71
C LYS A 153 2.68 2.28 3.59
N ALA A 154 3.80 2.29 4.30
CA ALA A 154 4.78 1.20 4.13
C ALA A 154 4.20 -0.20 4.43
N ALA A 155 3.23 -0.28 5.35
CA ALA A 155 2.63 -1.57 5.70
C ALA A 155 1.89 -2.21 4.52
N ASN A 156 1.48 -1.39 3.56
CA ASN A 156 0.70 -1.86 2.42
C ASN A 156 1.53 -1.92 1.14
N VAL A 157 2.85 -1.92 1.32
CA VAL A 157 3.78 -2.10 0.22
C VAL A 157 4.49 -3.42 0.47
N LEU A 158 4.26 -4.42 -0.38
CA LEU A 158 4.77 -5.77 -0.13
C LEU A 158 5.87 -6.11 -1.12
N LEU A 159 6.84 -6.90 -0.67
CA LEU A 159 7.94 -7.30 -1.54
C LEU A 159 7.97 -8.81 -1.77
N SER A 160 8.36 -9.22 -2.96
CA SER A 160 8.68 -10.63 -3.20
C SER A 160 9.99 -10.92 -2.50
N GLU A 161 10.33 -12.21 -2.37
CA GLU A 161 11.57 -12.56 -1.73
C GLU A 161 12.80 -12.10 -2.54
N HIS A 162 12.61 -11.70 -3.79
CA HIS A 162 13.74 -11.21 -4.58
C HIS A 162 13.64 -9.71 -4.91
N GLY A 163 12.78 -9.01 -4.19
CA GLY A 163 12.79 -7.56 -4.22
C GLY A 163 11.80 -6.87 -5.13
N GLU A 164 10.91 -7.61 -5.77
CA GLU A 164 9.83 -6.96 -6.51
C GLU A 164 8.95 -6.23 -5.52
N VAL A 165 8.43 -5.06 -5.89
CA VAL A 165 7.67 -4.24 -4.96
C VAL A 165 6.26 -3.99 -5.51
N LYS A 166 5.24 -4.31 -4.73
CA LYS A 166 3.86 -4.17 -5.21
C LYS A 166 2.94 -3.55 -4.16
N LEU A 167 1.94 -2.82 -4.61
CA LEU A 167 0.90 -2.29 -3.74
C LEU A 167 -0.09 -3.37 -3.33
N ALA A 168 -0.49 -3.33 -2.07
CA ALA A 168 -1.44 -4.29 -1.53
C ALA A 168 -2.55 -3.61 -0.73
N ASP A 169 -3.56 -4.40 -0.38
CA ASP A 169 -4.69 -4.00 0.46
C ASP A 169 -5.47 -2.85 -0.14
N PHE A 170 -6.43 -3.24 -0.95
CA PHE A 170 -7.30 -2.30 -1.64
C PHE A 170 -8.63 -2.20 -0.92
N GLY A 171 -8.58 -2.44 0.39
CA GLY A 171 -9.78 -2.47 1.22
C GLY A 171 -10.57 -1.18 1.26
N VAL A 172 -9.92 -0.03 0.99
CA VAL A 172 -10.63 1.24 0.94
C VAL A 172 -10.38 1.96 -0.38
N ALA A 173 -9.95 1.21 -1.41
CA ALA A 173 -9.66 1.84 -2.71
C ALA A 173 -10.95 2.42 -3.31
N GLY A 174 -10.82 3.51 -4.06
CA GLY A 174 -11.96 4.18 -4.64
C GLY A 174 -11.84 4.25 -6.15
N GLN A 175 -12.98 4.43 -6.82
CA GLN A 175 -13.02 4.50 -8.28
C GLN A 175 -13.66 5.80 -8.73
N LEU A 176 -13.01 6.52 -9.65
CA LEU A 176 -13.64 7.67 -10.27
C LEU A 176 -14.30 7.27 -11.59
N THR A 177 -15.38 7.96 -11.95
CA THR A 177 -16.15 7.62 -13.15
C THR A 177 -16.52 8.90 -13.85
N ASP A 178 -17.19 8.81 -15.00
CA ASP A 178 -17.60 10.04 -15.69
C ASP A 178 -18.59 10.86 -14.86
N THR A 179 -19.44 10.20 -14.07
CA THR A 179 -20.43 10.92 -13.27
C THR A 179 -19.95 11.23 -11.85
N GLN A 180 -18.86 10.60 -11.43
CA GLN A 180 -18.28 10.95 -10.14
C GLN A 180 -16.79 11.18 -10.29
N ILE A 181 -16.42 12.44 -10.45
CA ILE A 181 -15.05 12.81 -10.78
C ILE A 181 -14.19 13.07 -9.55
N LYS A 182 -14.81 13.04 -8.37
CA LYS A 182 -14.10 13.17 -7.10
C LYS A 182 -14.71 12.20 -6.07
N ARG A 183 -13.95 11.84 -5.04
CA ARG A 183 -14.51 11.13 -3.89
C ARG A 183 -14.60 12.07 -2.70
N ASN A 184 -15.31 11.68 -1.65
CA ASN A 184 -15.27 12.47 -0.42
C ASN A 184 -15.31 11.63 0.87
N PHE A 186 -14.37 9.58 4.10
CA PHE A 186 -13.36 9.56 5.15
C PHE A 186 -12.79 8.14 5.32
N VAL A 187 -11.72 7.82 4.59
CA VAL A 187 -11.00 6.54 4.76
C VAL A 187 -9.50 6.75 4.69
N GLY A 188 -8.75 5.77 5.19
CA GLY A 188 -7.31 5.83 5.18
C GLY A 188 -6.79 5.55 6.58
N THR A 189 -5.51 5.85 6.79
CA THR A 189 -4.89 5.70 8.10
C THR A 189 -4.41 7.08 8.51
N PRO A 190 -4.91 7.60 9.65
CA PRO A 190 -4.82 9.03 9.98
C PRO A 190 -3.45 9.70 9.76
N PHE A 191 -2.34 9.10 10.20
CA PHE A 191 -1.03 9.74 10.02
C PHE A 191 -0.71 10.00 8.54
N TRP A 192 -1.22 9.14 7.66
CA TRP A 192 -0.90 9.23 6.23
C TRP A 192 -1.97 9.97 5.42
N MET A 193 -3.09 10.31 6.05
CA MET A 193 -4.21 10.88 5.30
C MET A 193 -3.98 12.32 4.85
N ALA A 194 -4.38 12.63 3.62
CA ALA A 194 -4.29 13.99 3.08
C ALA A 194 -5.28 14.92 3.78
N PRO A 195 -4.92 16.20 3.92
CA PRO A 195 -5.82 17.12 4.63
C PRO A 195 -7.22 17.20 4.00
N GLU A 196 -7.33 17.11 2.68
CA GLU A 196 -8.64 17.23 2.05
C GLU A 196 -9.50 15.99 2.29
N VAL A 197 -8.87 14.85 2.58
CA VAL A 197 -9.61 13.64 2.92
C VAL A 197 -10.17 13.75 4.34
N ILE A 198 -9.35 14.26 5.26
CA ILE A 198 -9.78 14.45 6.65
C ILE A 198 -10.94 15.45 6.71
N LYS A 199 -10.85 16.47 5.88
CA LYS A 199 -11.91 17.48 5.79
C LYS A 199 -13.15 16.97 5.06
N GLN A 200 -13.01 15.80 4.44
CA GLN A 200 -14.04 15.22 3.58
C GLN A 200 -14.46 16.18 2.47
N SER A 201 -13.48 16.95 1.98
CA SER A 201 -13.62 17.70 0.74
C SER A 201 -13.67 16.78 -0.47
N ALA A 202 -14.03 17.32 -1.63
CA ALA A 202 -13.97 16.53 -2.86
C ALA A 202 -12.51 16.35 -3.24
N TYR A 203 -12.06 15.10 -3.34
CA TYR A 203 -10.66 14.81 -3.62
C TYR A 203 -10.49 13.74 -4.69
N ASP A 204 -9.26 13.57 -5.18
CA ASP A 204 -8.98 12.57 -6.19
C ASP A 204 -7.64 11.93 -5.94
N SER A 205 -6.97 11.50 -7.00
CA SER A 205 -5.73 10.75 -6.86
C SER A 205 -4.61 11.55 -6.21
N LYS A 206 -4.74 12.89 -6.17
CA LYS A 206 -3.72 13.72 -5.51
C LYS A 206 -3.65 13.41 -4.02
N ALA A 207 -4.71 12.83 -3.45
CA ALA A 207 -4.66 12.37 -2.07
C ALA A 207 -3.61 11.27 -1.87
N ASP A 208 -3.51 10.35 -2.83
CA ASP A 208 -2.48 9.32 -2.82
C ASP A 208 -1.08 9.94 -2.86
N ILE A 209 -0.94 11.07 -3.54
CA ILE A 209 0.37 11.70 -3.66
C ILE A 209 0.80 12.27 -2.31
N TRP A 210 -0.14 12.85 -1.56
CA TRP A 210 0.17 13.24 -0.19
C TRP A 210 0.58 12.04 0.65
N SER A 211 -0.19 10.96 0.57
CA SER A 211 0.16 9.77 1.37
C SER A 211 1.53 9.23 1.01
N LEU A 212 1.90 9.35 -0.26
CA LEU A 212 3.23 8.93 -0.71
C LEU A 212 4.33 9.76 -0.05
N GLY A 213 4.10 11.07 0.06
CA GLY A 213 4.99 11.96 0.78
C GLY A 213 5.23 11.55 2.22
N ILE A 214 4.15 11.19 2.91
CA ILE A 214 4.22 10.74 4.29
C ILE A 214 4.99 9.42 4.32
N THR A 215 4.73 8.56 3.34
CA THR A 215 5.42 7.28 3.22
C THR A 215 6.92 7.47 2.98
N ALA A 216 7.28 8.51 2.21
CA ALA A 216 8.70 8.81 2.00
C ALA A 216 9.38 9.20 3.33
N ILE A 217 8.69 9.98 4.15
CA ILE A 217 9.23 10.31 5.46
C ILE A 217 9.34 9.04 6.32
N GLU A 218 8.30 8.21 6.26
CA GLU A 218 8.26 6.94 6.97
C GLU A 218 9.46 6.06 6.57
N LEU A 219 9.76 5.99 5.27
CA LEU A 219 10.91 5.19 4.80
C LEU A 219 12.26 5.78 5.24
N ALA A 220 12.34 7.10 5.36
CA ALA A 220 13.58 7.78 5.70
C ALA A 220 13.84 7.82 7.20
N ARG A 221 12.78 8.06 7.96
CA ARG A 221 12.86 8.26 9.39
C ARG A 221 12.40 7.03 10.18
N GLY A 222 11.70 6.11 9.53
CA GLY A 222 11.20 4.92 10.20
C GLY A 222 9.75 5.00 10.66
N GLU A 223 9.20 6.21 10.67
CA GLU A 223 7.88 6.43 11.18
C GLU A 223 7.33 7.73 10.58
N PRO A 224 6.00 7.86 10.46
CA PRO A 224 5.45 9.08 9.86
C PRO A 224 5.45 10.26 10.84
N PRO A 225 5.24 11.48 10.34
CA PRO A 225 5.10 12.60 11.29
C PRO A 225 3.96 12.34 12.27
N HIS A 226 4.10 12.88 13.49
CA HIS A 226 3.10 12.77 14.55
C HIS A 226 2.89 11.37 15.09
N SER A 227 3.83 10.45 14.87
CA SER A 227 3.53 9.04 15.10
C SER A 227 3.32 8.68 16.57
N GLU A 228 3.72 9.56 17.48
CA GLU A 228 3.55 9.26 18.89
C GLU A 228 2.31 9.92 19.47
N LEU A 229 1.50 10.54 18.61
CA LEU A 229 0.22 11.11 19.04
C LEU A 229 -0.91 10.13 18.79
N HIS A 230 -2.00 10.29 19.54
CA HIS A 230 -3.20 9.49 19.32
C HIS A 230 -3.74 9.83 17.93
N PRO A 231 -4.11 8.80 17.16
CA PRO A 231 -4.59 8.98 15.77
C PRO A 231 -5.70 10.00 15.66
N MET A 232 -6.53 10.10 16.70
CA MET A 232 -7.67 11.01 16.64
C MET A 232 -7.18 12.44 16.73
N LYS A 233 -6.07 12.63 17.44
CA LYS A 233 -5.53 13.97 17.60
C LYS A 233 -4.96 14.52 16.28
N VAL A 234 -4.38 13.65 15.47
CA VAL A 234 -3.79 14.17 14.25
C VAL A 234 -4.87 14.60 13.27
N LEU A 235 -6.11 14.11 13.46
CA LEU A 235 -7.23 14.49 12.60
C LEU A 235 -7.53 15.99 12.68
N PHE A 236 -7.25 16.65 13.80
CA PHE A 236 -7.38 18.10 13.79
C PHE A 236 -6.07 18.78 13.38
N LEU A 237 -4.94 18.18 13.73
CA LEU A 237 -3.65 18.82 13.48
C LEU A 237 -3.29 18.90 12.00
N ILE A 238 -3.56 17.84 11.25
CA ILE A 238 -3.09 17.77 9.87
C ILE A 238 -3.70 18.86 8.97
N PRO A 239 -5.02 19.10 9.04
CA PRO A 239 -5.55 20.15 8.17
C PRO A 239 -5.09 21.56 8.55
N LYS A 240 -4.79 21.79 9.82
CA LYS A 240 -4.40 23.13 10.26
C LYS A 240 -2.91 23.39 10.08
N ASN A 241 -2.08 22.47 10.55
CA ASN A 241 -0.64 22.70 10.59
C ASN A 241 -0.03 22.84 9.21
N ASN A 242 1.08 23.57 9.13
CA ASN A 242 1.91 23.54 7.93
C ASN A 242 2.26 22.09 7.62
N PRO A 243 2.47 21.77 6.33
CA PRO A 243 2.76 20.37 5.99
C PRO A 243 4.07 19.93 6.56
N PRO A 244 4.20 18.62 6.83
CA PRO A 244 5.47 18.10 7.33
C PRO A 244 6.57 18.35 6.33
N THR A 245 7.80 18.44 6.80
CA THR A 245 8.97 18.41 5.94
C THR A 245 9.87 17.30 6.46
N LEU A 246 10.82 16.88 5.63
CA LEU A 246 11.80 15.90 6.05
C LEU A 246 12.96 16.60 6.71
N GLU A 247 13.13 16.37 8.01
CA GLU A 247 14.21 16.97 8.77
C GLU A 247 15.30 15.96 9.04
N GLY A 248 16.54 16.42 9.08
CA GLY A 248 17.66 15.54 9.34
C GLY A 248 18.66 15.59 8.21
N ASN A 249 19.67 14.73 8.28
CA ASN A 249 20.79 14.78 7.34
C ASN A 249 20.50 13.91 6.13
N TYR A 250 19.56 14.37 5.30
CA TYR A 250 19.14 13.66 4.09
C TYR A 250 19.49 14.54 2.89
N SER A 251 19.64 13.94 1.72
CA SER A 251 20.00 14.72 0.53
C SER A 251 18.94 15.77 0.19
N LYS A 252 19.36 16.84 -0.47
CA LYS A 252 18.40 17.89 -0.85
C LYS A 252 17.31 17.34 -1.79
N PRO A 253 17.68 16.51 -2.77
CA PRO A 253 16.59 16.01 -3.61
C PRO A 253 15.56 15.16 -2.86
N LEU A 254 15.97 14.40 -1.85
CA LEU A 254 14.98 13.67 -1.06
C LEU A 254 14.06 14.65 -0.33
N LYS A 255 14.64 15.68 0.28
CA LYS A 255 13.83 16.65 0.99
C LYS A 255 12.86 17.34 0.04
N GLU A 256 13.33 17.64 -1.17
CA GLU A 256 12.50 18.28 -2.18
C GLU A 256 11.40 17.34 -2.67
N PHE A 257 11.71 16.04 -2.78
CA PHE A 257 10.71 15.08 -3.21
C PHE A 257 9.55 15.09 -2.20
N VAL A 258 9.88 15.03 -0.91
CA VAL A 258 8.88 15.07 0.15
C VAL A 258 8.06 16.37 0.09
N GLU A 259 8.75 17.50 -0.04
CA GLU A 259 8.10 18.82 -0.09
C GLU A 259 7.07 18.92 -1.24
N ALA A 260 7.45 18.38 -2.39
CA ALA A 260 6.59 18.40 -3.57
C ALA A 260 5.29 17.65 -3.31
N CYS A 261 5.42 16.49 -2.68
CA CYS A 261 4.25 15.67 -2.34
C CYS A 261 3.38 16.34 -1.29
N LEU A 262 4.02 16.93 -0.28
CA LEU A 262 3.25 17.41 0.87
C LEU A 262 2.95 18.88 0.72
N ASN A 263 2.16 19.18 -0.30
CA ASN A 263 1.57 20.48 -0.49
C ASN A 263 0.13 20.45 -0.03
N LYS A 264 -0.29 21.45 0.76
CA LYS A 264 -1.67 21.49 1.26
C LYS A 264 -2.70 21.57 0.12
N GLU A 265 -2.33 22.25 -0.96
CA GLU A 265 -3.21 22.38 -2.11
C GLU A 265 -2.99 21.21 -3.06
N PRO A 266 -4.00 20.33 -3.22
CA PRO A 266 -3.79 19.11 -4.02
C PRO A 266 -3.37 19.38 -5.46
N SER A 267 -3.90 20.42 -6.11
CA SER A 267 -3.55 20.64 -7.51
C SER A 267 -2.07 21.02 -7.68
N PHE A 268 -1.41 21.44 -6.60
CA PHE A 268 0.00 21.78 -6.68
C PHE A 268 0.93 20.57 -6.50
N ARG A 269 0.38 19.44 -6.08
CA ARG A 269 1.17 18.21 -5.99
C ARG A 269 1.38 17.66 -7.38
N PRO A 270 2.57 17.09 -7.64
CA PRO A 270 2.79 16.46 -8.95
C PRO A 270 2.04 15.15 -9.12
N THR A 271 1.85 14.73 -10.36
CA THR A 271 1.35 13.39 -10.62
C THR A 271 2.42 12.33 -10.32
N ALA A 272 1.99 11.08 -10.23
CA ALA A 272 2.95 9.98 -10.05
C ALA A 272 3.93 9.92 -11.24
N LYS A 273 3.38 10.08 -12.44
CA LYS A 273 4.19 10.13 -13.66
C LYS A 273 5.31 11.19 -13.57
N GLU A 274 4.95 12.37 -13.10
CA GLU A 274 5.92 13.46 -12.97
C GLU A 274 7.00 13.12 -11.93
N LEU A 275 6.60 12.49 -10.83
CA LEU A 275 7.55 12.15 -9.76
C LEU A 275 8.53 11.07 -10.17
N LEU A 276 8.18 10.25 -11.16
CA LEU A 276 9.10 9.23 -11.65
C LEU A 276 10.34 9.84 -12.27
N LYS A 277 10.23 11.09 -12.69
CA LYS A 277 11.33 11.83 -13.28
C LYS A 277 11.99 12.80 -12.30
N HIS A 278 11.56 12.74 -11.04
CA HIS A 278 12.17 13.60 -10.02
C HIS A 278 13.64 13.24 -9.83
N LYS A 279 14.44 14.26 -9.54
CA LYS A 279 15.86 14.09 -9.40
C LYS A 279 16.20 13.04 -8.35
N PHE A 280 15.42 12.98 -7.26
CA PHE A 280 15.73 12.02 -6.21
C PHE A 280 15.64 10.59 -6.75
N ILE A 281 14.60 10.32 -7.53
CA ILE A 281 14.36 8.99 -8.10
C ILE A 281 15.41 8.66 -9.15
N LEU A 282 15.68 9.60 -10.06
CA LEU A 282 16.61 9.34 -11.15
C LEU A 282 18.04 9.13 -10.66
N ARG A 283 18.43 9.90 -9.67
CA ARG A 283 19.80 9.83 -9.15
C ARG A 283 20.06 8.62 -8.28
N ASN A 284 19.04 8.15 -7.56
CA ASN A 284 19.26 7.16 -6.51
C ASN A 284 18.65 5.76 -6.68
N ALA A 285 17.60 5.62 -7.49
CA ALA A 285 16.92 4.33 -7.61
C ALA A 285 17.77 3.38 -8.44
N LYS A 286 17.86 2.14 -7.98
CA LYS A 286 18.63 1.10 -8.66
C LYS A 286 17.77 -0.14 -8.85
N LYS A 287 18.39 -1.24 -9.26
CA LYS A 287 17.66 -2.49 -9.49
C LYS A 287 16.92 -2.97 -8.25
N THR A 288 15.71 -3.47 -8.45
CA THR A 288 14.92 -3.98 -7.32
C THR A 288 15.58 -5.21 -6.69
N SER A 289 16.36 -5.98 -7.46
CA SER A 289 17.00 -7.17 -6.91
C SER A 289 17.95 -6.81 -5.77
N TYR A 290 18.48 -5.59 -5.76
CA TYR A 290 19.32 -5.16 -4.63
C TYR A 290 18.58 -5.14 -3.31
N LEU A 291 17.25 -5.06 -3.36
CA LEU A 291 16.46 -5.03 -2.13
C LEU A 291 16.49 -6.36 -1.35
N THR A 292 17.01 -7.41 -1.97
N THR A 292 17.03 -7.40 -1.98
CA THR A 292 17.11 -8.68 -1.27
CA THR A 292 17.18 -8.71 -1.35
C THR A 292 17.98 -8.50 -0.03
C THR A 292 18.06 -8.57 -0.09
N GLU A 293 18.92 -7.56 -0.09
CA GLU A 293 19.77 -7.25 1.07
C GLU A 293 18.92 -6.89 2.28
N LEU A 294 17.90 -6.07 2.06
CA LEU A 294 16.93 -5.70 3.10
C LEU A 294 16.07 -6.87 3.55
N ILE A 295 15.69 -7.70 2.60
CA ILE A 295 14.86 -8.85 2.92
C ILE A 295 15.65 -9.80 3.81
N ASP A 296 16.92 -10.02 3.45
CA ASP A 296 17.81 -10.85 4.25
C ASP A 296 18.05 -10.26 5.65
N ARG A 297 18.15 -8.93 5.72
CA ARG A 297 18.38 -8.27 7.00
C ARG A 297 17.21 -8.50 7.94
N TYR A 298 16.00 -8.40 7.40
CA TYR A 298 14.82 -8.67 8.21
C TYR A 298 14.75 -10.13 8.64
N LYS A 299 15.03 -11.06 7.73
CA LYS A 299 14.99 -12.48 8.10
C LYS A 299 15.94 -12.76 9.25
N ARG A 300 17.15 -12.21 9.16
CA ARG A 300 18.16 -12.40 10.22
C ARG A 300 17.69 -11.81 11.54
N TRP A 301 17.14 -10.61 11.46
CA TRP A 301 16.65 -9.87 12.61
C TRP A 301 15.51 -10.60 13.32
N LYS A 302 14.49 -11.00 12.55
CA LYS A 302 13.32 -11.67 13.09
C LYS A 302 13.70 -13.01 13.75
N ALA A 303 14.69 -13.69 13.17
CA ALA A 303 15.16 -14.96 13.73
C ALA A 303 15.87 -14.76 15.08
N GLU A 304 16.43 -13.58 15.29
CA GLU A 304 17.16 -13.28 16.53
C GLU A 304 16.29 -12.57 17.55
N GLN A 305 15.10 -12.15 17.12
CA GLN A 305 14.10 -11.55 18.03
C GLN A 305 13.21 -12.63 18.60
#